data_6OIN
#
_entry.id   6OIN
#
_cell.length_a   46.340
_cell.length_b   56.730
_cell.length_c   121.790
_cell.angle_alpha   90.00
_cell.angle_beta   90.00
_cell.angle_gamma   90.00
#
_symmetry.space_group_name_H-M   'P 21 21 21'
#
loop_
_entity.id
_entity.type
_entity.pdbx_description
1 polymer 'Histone acetyltransferase KAT8'
2 non-polymer 'ZINC ION'
3 non-polymer "2-fluoro-N'-[(naphthalen-2-yl)sulfonyl]benzohydrazide"
4 non-polymer GLYCEROL
5 water water
#
_entity_poly.entity_id   1
_entity_poly.type   'polypeptide(L)'
_entity_poly.pdbx_seq_one_letter_code
;VKYVDKIHIGNYEIDAWYFSPFPEDYGKQPKLWLCEYCLKYMKYEKSYRFHLGQCQWRQPPGKEIYRKSNISVHEVDGKD
HKIYCQNLCLLAKLFLDH(ALY)TLYFDVEPFVFYILTEVDRQGAHIVGYFSKEKESPDGNNVSCIMILPPYQRRGYGRF
LIAFSYELSKLESTVGSPEKPLSDLGKLSYRSYWSWVLLENLRDFRGTLSIKDLSQMTSITQNDIISTLQSLNMVKYWKG
QHVICVTPKLVEEHLKSAQYKKPPITVDSVCLKWAPP
;
_entity_poly.pdbx_strand_id   A
#
# COMPACT_ATOMS: atom_id res chain seq x y z
N LYS A 2 -0.22 23.72 -18.23
CA LYS A 2 -1.35 24.18 -17.38
C LYS A 2 -1.64 23.27 -16.15
N TYR A 3 -1.80 21.93 -16.25
CA TYR A 3 -1.80 21.08 -15.01
C TYR A 3 -0.32 20.68 -14.81
N VAL A 4 0.00 20.28 -13.60
CA VAL A 4 1.34 19.61 -13.41
C VAL A 4 1.42 18.35 -14.28
N ASP A 5 2.41 18.29 -15.16
CA ASP A 5 2.42 17.03 -15.89
C ASP A 5 3.67 16.15 -15.69
N LYS A 6 4.66 16.65 -14.92
CA LYS A 6 5.91 15.87 -14.79
C LYS A 6 6.48 16.33 -13.45
N ILE A 7 7.07 15.42 -12.70
CA ILE A 7 7.74 15.78 -11.46
C ILE A 7 9.17 15.29 -11.53
N HIS A 8 9.99 15.93 -10.70
CA HIS A 8 11.33 15.39 -10.45
C HIS A 8 11.30 15.08 -8.96
N ILE A 9 11.69 13.85 -8.64
CA ILE A 9 11.85 13.50 -7.18
C ILE A 9 13.07 12.61 -7.02
N GLY A 10 13.99 12.94 -6.14
CA GLY A 10 15.19 12.06 -6.05
C GLY A 10 15.95 12.10 -7.37
N ASN A 11 16.32 10.93 -7.91
CA ASN A 11 16.86 10.94 -9.23
C ASN A 11 15.88 10.53 -10.30
N TYR A 12 14.60 10.65 -10.03
CA TYR A 12 13.60 10.23 -11.01
C TYR A 12 12.83 11.42 -11.63
N GLU A 13 12.57 11.31 -12.91
CA GLU A 13 11.60 12.23 -13.51
C GLU A 13 10.44 11.33 -13.81
N ILE A 14 9.24 11.77 -13.47
CA ILE A 14 8.08 10.92 -13.63
C ILE A 14 6.97 11.67 -14.23
N ASP A 15 6.35 11.11 -15.29
CA ASP A 15 5.20 11.78 -15.89
C ASP A 15 3.92 11.61 -15.06
N ALA A 16 3.06 12.64 -14.99
CA ALA A 16 1.83 12.50 -14.24
C ALA A 16 0.83 11.53 -14.93
N TRP A 17 -0.03 10.89 -14.15
CA TRP A 17 -1.17 10.14 -14.74
C TRP A 17 -2.52 10.83 -14.66
N TYR A 18 -2.67 11.70 -13.66
CA TYR A 18 -3.92 12.35 -13.41
C TYR A 18 -3.69 13.77 -12.91
N PHE A 19 -4.77 14.56 -12.92
CA PHE A 19 -4.78 15.88 -12.29
C PHE A 19 -4.58 15.79 -10.78
N SER A 20 -3.69 16.65 -10.28
CA SER A 20 -3.57 16.83 -8.81
C SER A 20 -3.60 18.35 -8.57
N PRO A 21 -4.38 18.76 -7.55
CA PRO A 21 -4.71 20.23 -7.31
C PRO A 21 -3.58 20.92 -6.53
N PHE A 22 -2.35 20.82 -7.04
CA PHE A 22 -1.30 21.78 -6.62
C PHE A 22 -1.85 23.16 -7.01
N PRO A 23 -1.43 24.18 -6.29
CA PRO A 23 -1.82 25.57 -6.67
C PRO A 23 -1.47 25.88 -8.14
N GLU A 24 -2.26 26.78 -8.73
CA GLU A 24 -2.22 26.97 -10.16
C GLU A 24 -0.83 27.37 -10.63
N ASP A 25 -0.12 28.17 -9.84
CA ASP A 25 1.16 28.74 -10.21
CA ASP A 25 1.15 28.69 -10.36
C ASP A 25 2.23 27.61 -10.38
N TYR A 26 2.01 26.58 -9.60
CA TYR A 26 2.86 25.32 -9.67
C TYR A 26 2.69 24.48 -10.93
N GLY A 27 1.45 24.46 -11.41
CA GLY A 27 1.07 23.81 -12.67
C GLY A 27 1.67 24.51 -13.89
N LYS A 28 1.82 25.83 -13.86
CA LYS A 28 2.32 26.56 -15.06
C LYS A 28 3.76 26.14 -15.44
N GLN A 29 4.56 25.69 -14.48
CA GLN A 29 5.97 25.35 -14.77
C GLN A 29 6.08 24.06 -15.67
N PRO A 30 7.23 23.87 -16.40
CA PRO A 30 7.43 22.57 -17.13
C PRO A 30 7.49 21.32 -16.23
N LYS A 31 8.21 21.40 -15.10
CA LYS A 31 8.20 20.34 -14.10
C LYS A 31 7.92 20.93 -12.67
N LEU A 32 7.41 20.08 -11.76
CA LEU A 32 7.31 20.40 -10.33
C LEU A 32 8.53 19.58 -9.75
N TRP A 33 9.29 20.17 -8.82
CA TRP A 33 10.47 19.54 -8.23
C TRP A 33 10.16 19.25 -6.82
N LEU A 34 10.22 17.96 -6.38
CA LEU A 34 9.91 17.61 -4.98
C LEU A 34 11.16 17.15 -4.25
N CYS A 35 11.33 17.64 -3.02
CA CYS A 35 12.30 17.06 -2.12
C CYS A 35 11.87 15.65 -1.80
N GLU A 36 12.79 14.66 -2.01
CA GLU A 36 12.34 13.36 -1.74
C GLU A 36 12.24 12.99 -0.31
N TYR A 37 12.66 13.86 0.62
CA TYR A 37 12.60 13.50 2.02
C TYR A 37 11.52 14.23 2.77
N CYS A 38 11.37 15.55 2.52
CA CYS A 38 10.27 16.28 3.16
C CYS A 38 9.04 16.50 2.28
N LEU A 39 9.18 16.17 0.97
CA LEU A 39 8.06 16.29 -0.01
C LEU A 39 7.62 17.70 -0.27
N LYS A 40 8.43 18.70 0.15
CA LYS A 40 8.17 20.07 -0.34
C LYS A 40 8.20 20.17 -1.90
N TYR A 41 7.20 20.84 -2.50
CA TYR A 41 7.22 20.96 -3.89
C TYR A 41 7.64 22.39 -4.29
N MET A 42 8.41 22.47 -5.35
CA MET A 42 9.12 23.69 -5.77
C MET A 42 8.92 23.91 -7.28
N LYS A 43 9.06 25.20 -7.69
CA LYS A 43 8.74 25.59 -9.06
C LYS A 43 9.86 25.55 -10.00
N TYR A 44 11.07 25.54 -9.49
CA TYR A 44 12.33 25.75 -10.25
C TYR A 44 13.41 24.85 -9.90
N GLU A 45 14.22 24.46 -10.92
CA GLU A 45 15.39 23.69 -10.61
C GLU A 45 16.29 24.43 -9.64
N LYS A 46 16.34 25.74 -9.79
CA LYS A 46 17.21 26.48 -8.81
C LYS A 46 16.74 26.46 -7.33
N SER A 47 15.43 26.67 -7.10
CA SER A 47 14.90 26.59 -5.74
C SER A 47 15.09 25.16 -5.23
N TYR A 48 14.91 24.15 -6.11
CA TYR A 48 15.15 22.76 -5.70
C TYR A 48 16.61 22.47 -5.26
N ARG A 49 17.55 22.94 -6.05
CA ARG A 49 18.98 22.68 -5.73
C ARG A 49 19.37 23.39 -4.42
N PHE A 50 18.83 24.60 -4.21
CA PHE A 50 19.09 25.30 -2.98
C PHE A 50 18.49 24.54 -1.79
N HIS A 51 17.24 24.06 -1.96
CA HIS A 51 16.58 23.28 -0.93
C HIS A 51 17.39 22.01 -0.66
N LEU A 52 17.88 21.37 -1.66
CA LEU A 52 18.61 20.12 -1.44
C LEU A 52 19.84 20.31 -0.57
N GLY A 53 20.52 21.44 -0.77
CA GLY A 53 21.70 21.71 0.07
C GLY A 53 21.35 22.08 1.49
N GLN A 54 20.14 22.56 1.74
CA GLN A 54 19.71 23.02 3.05
C GLN A 54 18.86 22.05 3.89
N CYS A 55 17.98 21.32 3.25
CA CYS A 55 17.05 20.49 4.03
C CYS A 55 17.80 19.40 4.80
N GLN A 56 17.41 19.24 6.06
CA GLN A 56 18.13 18.35 6.96
C GLN A 56 17.46 16.97 7.00
N TRP A 57 16.25 16.84 6.45
CA TRP A 57 15.52 15.54 6.51
CA TRP A 57 15.54 15.53 6.54
C TRP A 57 16.16 14.53 5.64
N ARG A 58 16.29 13.27 6.13
CA ARG A 58 16.85 12.22 5.30
C ARG A 58 15.98 10.97 5.43
N GLN A 59 14.79 11.13 5.97
CA GLN A 59 13.79 10.03 6.10
C GLN A 59 12.46 10.70 6.39
N PRO A 60 11.30 9.98 6.35
CA PRO A 60 10.00 10.54 6.69
C PRO A 60 9.95 10.95 8.17
N PRO A 61 9.00 11.81 8.54
CA PRO A 61 8.78 12.08 9.95
C PRO A 61 8.02 10.95 10.63
N GLY A 62 7.53 11.17 11.86
CA GLY A 62 6.80 10.10 12.55
C GLY A 62 7.74 9.02 13.07
N LYS A 63 7.15 7.86 13.34
CA LYS A 63 7.84 6.78 14.03
C LYS A 63 8.19 5.64 13.06
N GLU A 64 9.44 5.13 13.12
CA GLU A 64 9.83 3.95 12.30
C GLU A 64 9.22 2.70 12.95
N ILE A 65 8.05 2.21 12.46
CA ILE A 65 7.41 1.10 13.12
C ILE A 65 7.88 -0.24 12.48
N TYR A 66 8.69 -0.20 11.42
CA TYR A 66 9.23 -1.43 10.79
C TYR A 66 10.53 -1.18 10.21
N ARG A 67 11.50 -2.05 10.49
CA ARG A 67 12.74 -1.97 9.83
C ARG A 67 13.30 -3.39 9.70
N LYS A 68 13.68 -3.77 8.48
CA LYS A 68 14.34 -5.07 8.29
C LYS A 68 15.30 -4.81 7.17
N SER A 69 16.60 -4.94 7.48
CA SER A 69 17.67 -4.66 6.54
C SER A 69 17.40 -3.19 6.09
N ASN A 70 17.27 -2.97 4.79
CA ASN A 70 17.14 -1.57 4.33
C ASN A 70 15.70 -1.22 3.91
N ILE A 71 14.71 -1.99 4.41
CA ILE A 71 13.30 -1.66 4.12
C ILE A 71 12.71 -1.12 5.43
N SER A 72 12.06 0.03 5.33
CA SER A 72 11.50 0.62 6.51
CA SER A 72 11.56 0.70 6.48
C SER A 72 10.10 1.16 6.24
N VAL A 73 9.30 1.17 7.28
CA VAL A 73 8.01 1.85 7.26
C VAL A 73 7.91 2.84 8.36
N HIS A 74 7.45 4.07 8.03
CA HIS A 74 7.18 5.08 9.06
C HIS A 74 5.73 5.35 9.20
N GLU A 75 5.22 5.44 10.43
CA GLU A 75 3.85 5.75 10.69
C GLU A 75 3.79 7.25 10.98
N VAL A 76 2.99 7.95 10.22
CA VAL A 76 2.95 9.42 10.30
C VAL A 76 1.52 9.83 10.53
N ASP A 77 1.24 10.41 11.72
CA ASP A 77 -0.09 10.85 12.02
C ASP A 77 -0.38 12.21 11.36
N GLY A 78 -1.49 12.27 10.61
CA GLY A 78 -1.94 13.48 9.82
C GLY A 78 -2.08 14.74 10.72
N LYS A 79 -2.49 14.52 11.96
CA LYS A 79 -2.50 15.61 13.03
C LYS A 79 -1.15 16.22 13.39
N ASP A 80 -0.13 15.43 13.55
CA ASP A 80 1.17 15.75 14.01
C ASP A 80 2.02 16.32 12.89
N HIS A 81 1.80 15.84 11.66
CA HIS A 81 2.68 16.25 10.55
C HIS A 81 1.86 16.63 9.37
N LYS A 82 1.11 17.68 9.54
CA LYS A 82 0.14 18.06 8.53
C LYS A 82 0.70 18.38 7.16
N ILE A 83 1.70 19.24 7.13
CA ILE A 83 2.20 19.74 5.82
C ILE A 83 2.84 18.53 5.06
N TYR A 84 3.62 17.71 5.75
CA TYR A 84 4.24 16.54 5.07
C TYR A 84 3.09 15.65 4.46
N CYS A 85 2.00 15.44 5.22
CA CYS A 85 0.92 14.57 4.77
C CYS A 85 0.12 15.16 3.58
N GLN A 86 -0.01 16.49 3.58
CA GLN A 86 -0.70 17.18 2.49
C GLN A 86 0.20 17.08 1.25
N ASN A 87 1.49 17.31 1.45
CA ASN A 87 2.46 17.18 0.31
C ASN A 87 2.36 15.75 -0.27
N LEU A 88 2.34 14.77 0.63
CA LEU A 88 2.25 13.34 0.19
C LEU A 88 0.93 13.12 -0.59
N CYS A 89 -0.22 13.66 -0.14
CA CYS A 89 -1.48 13.37 -0.80
C CYS A 89 -1.55 14.07 -2.20
N LEU A 90 -0.93 15.19 -2.34
CA LEU A 90 -0.87 15.82 -3.67
C LEU A 90 0.07 15.04 -4.64
N LEU A 91 1.22 14.60 -4.16
CA LEU A 91 2.08 13.66 -4.91
C LEU A 91 1.26 12.43 -5.29
N ALA A 92 0.56 11.84 -4.34
CA ALA A 92 -0.18 10.62 -4.65
C ALA A 92 -1.29 10.78 -5.69
N LYS A 93 -1.94 11.96 -5.67
CA LYS A 93 -3.05 12.17 -6.55
C LYS A 93 -2.60 12.31 -8.02
N LEU A 94 -1.30 12.52 -8.23
CA LEU A 94 -0.76 12.50 -9.63
C LEU A 94 -0.90 11.07 -10.22
N PHE A 95 -1.02 10.05 -9.37
CA PHE A 95 -0.99 8.65 -9.79
C PHE A 95 -2.23 7.85 -9.43
N LEU A 96 -3.21 8.51 -8.78
CA LEU A 96 -4.44 7.86 -8.29
C LEU A 96 -5.62 8.64 -8.92
N ASP A 97 -6.54 8.00 -9.62
CA ASP A 97 -7.64 8.73 -10.21
C ASP A 97 -8.69 9.08 -9.16
N HIS A 98 -8.90 8.18 -8.20
CA HIS A 98 -10.06 8.32 -7.29
C HIS A 98 -9.79 8.87 -5.95
N THR A 100 -9.70 11.64 -3.23
CA THR A 100 -10.43 12.95 -3.23
C THR A 100 -9.98 13.84 -2.05
N LEU A 101 -9.08 13.36 -1.24
CA LEU A 101 -8.73 14.04 -0.04
C LEU A 101 -7.23 14.42 0.00
N TYR A 102 -6.90 15.71 0.09
CA TYR A 102 -5.52 16.18 0.06
C TYR A 102 -5.18 17.00 1.25
N PHE A 103 -6.14 17.80 1.76
CA PHE A 103 -5.82 18.82 2.78
C PHE A 103 -6.25 18.48 4.22
N ASP A 104 -7.43 17.90 4.28
CA ASP A 104 -8.03 17.49 5.57
C ASP A 104 -7.45 16.14 6.02
N VAL A 105 -6.15 16.14 6.35
CA VAL A 105 -5.37 14.93 6.64
C VAL A 105 -5.41 14.45 8.10
N GLU A 106 -5.93 15.30 9.00
CA GLU A 106 -5.93 14.95 10.39
C GLU A 106 -6.66 13.60 10.77
N PRO A 107 -7.70 13.22 10.05
CA PRO A 107 -8.40 11.95 10.39
C PRO A 107 -7.58 10.71 9.98
N PHE A 108 -6.40 10.93 9.36
CA PHE A 108 -5.65 9.78 8.77
C PHE A 108 -4.33 9.56 9.42
N VAL A 109 -3.85 8.29 9.31
CA VAL A 109 -2.47 7.97 9.58
C VAL A 109 -1.85 7.50 8.20
N PHE A 110 -0.60 7.82 7.97
CA PHE A 110 0.04 7.45 6.70
C PHE A 110 1.20 6.52 7.00
N TYR A 111 1.32 5.45 6.21
CA TYR A 111 2.37 4.48 6.37
C TYR A 111 3.29 4.58 5.16
N ILE A 112 4.49 5.10 5.37
CA ILE A 112 5.40 5.43 4.27
C ILE A 112 6.47 4.34 4.16
N LEU A 113 6.58 3.74 2.99
CA LEU A 113 7.55 2.70 2.70
C LEU A 113 8.77 3.33 2.09
N THR A 114 9.97 3.08 2.65
CA THR A 114 11.22 3.54 2.10
C THR A 114 12.22 2.41 1.96
N GLU A 115 13.14 2.64 1.03
CA GLU A 115 14.26 1.73 0.76
C GLU A 115 15.51 2.58 1.11
N VAL A 116 16.37 2.08 1.99
CA VAL A 116 17.42 2.91 2.63
C VAL A 116 18.78 2.64 2.02
N ASP A 117 19.58 3.69 1.73
CA ASP A 117 20.98 3.52 1.40
C ASP A 117 21.79 4.56 2.27
N ARG A 118 23.07 4.72 1.96
CA ARG A 118 24.00 5.56 2.76
C ARG A 118 23.49 7.01 2.78
N GLN A 119 22.68 7.42 1.79
CA GLN A 119 22.26 8.83 1.67
C GLN A 119 21.03 9.11 2.44
N GLY A 120 20.14 8.12 2.62
CA GLY A 120 18.94 8.40 3.39
C GLY A 120 17.85 7.36 2.99
N ALA A 121 16.63 7.62 3.45
CA ALA A 121 15.49 6.65 3.30
C ALA A 121 14.60 7.19 2.13
N HIS A 122 14.57 6.47 0.99
CA HIS A 122 14.00 6.89 -0.28
C HIS A 122 12.61 6.42 -0.40
N ILE A 123 11.62 7.33 -0.51
CA ILE A 123 10.20 6.93 -0.62
C ILE A 123 9.87 6.09 -1.86
N VAL A 124 9.14 4.98 -1.61
CA VAL A 124 8.69 4.05 -2.68
C VAL A 124 7.18 4.22 -2.88
N GLY A 125 6.44 4.43 -1.80
CA GLY A 125 5.01 4.44 -1.83
C GLY A 125 4.47 4.55 -0.40
N TYR A 126 3.19 4.44 -0.29
CA TYR A 126 2.51 4.60 1.02
C TYR A 126 1.11 4.02 0.98
N PHE A 127 0.50 3.78 2.14
CA PHE A 127 -0.95 3.80 2.20
C PHE A 127 -1.47 4.63 3.36
N SER A 128 -2.57 5.31 3.16
CA SER A 128 -3.24 6.01 4.21
C SER A 128 -4.29 5.09 4.86
N LYS A 129 -4.73 5.42 6.08
CA LYS A 129 -5.73 4.55 6.84
C LYS A 129 -6.50 5.59 7.73
N GLU A 130 -7.83 5.59 7.64
CA GLU A 130 -8.66 6.32 8.64
C GLU A 130 -8.42 5.80 10.00
N LYS A 131 -8.16 6.72 10.91
CA LYS A 131 -8.03 6.37 12.35
C LYS A 131 -9.31 5.70 12.86
N GLU A 132 -10.47 6.11 12.39
CA GLU A 132 -11.67 5.37 12.75
C GLU A 132 -12.42 5.17 11.48
N SER A 133 -12.63 3.93 11.10
CA SER A 133 -13.25 3.73 9.86
C SER A 133 -14.64 3.15 10.09
N PRO A 134 -15.71 3.89 9.73
CA PRO A 134 -17.08 3.36 9.96
C PRO A 134 -17.36 2.15 9.10
N ASP A 135 -16.67 2.01 7.95
CA ASP A 135 -16.88 0.91 7.05
C ASP A 135 -15.85 -0.21 7.22
N GLY A 136 -14.94 -0.11 8.21
CA GLY A 136 -13.92 -1.18 8.44
C GLY A 136 -12.95 -1.24 7.26
N ASN A 137 -12.62 -0.08 6.72
CA ASN A 137 -11.50 -0.03 5.75
C ASN A 137 -10.14 -0.04 6.41
N ASN A 138 -9.28 -0.96 6.01
CA ASN A 138 -7.95 -0.99 6.61
C ASN A 138 -6.86 -0.28 5.76
N VAL A 139 -7.28 0.20 4.61
CA VAL A 139 -6.50 1.08 3.71
C VAL A 139 -7.55 2.03 3.15
N SER A 140 -7.18 3.33 3.04
CA SER A 140 -7.95 4.30 2.31
CA SER A 140 -7.95 4.32 2.31
C SER A 140 -7.44 4.41 0.86
N CYS A 141 -6.22 4.94 0.69
CA CYS A 141 -5.54 4.92 -0.61
C CYS A 141 -4.23 4.18 -0.46
N ILE A 142 -3.80 3.53 -1.57
CA ILE A 142 -2.51 2.91 -1.59
C ILE A 142 -1.84 3.32 -2.89
N MET A 143 -0.56 3.70 -2.82
CA MET A 143 0.06 4.17 -4.12
C MET A 143 1.53 3.77 -4.04
N ILE A 144 2.06 3.18 -5.11
CA ILE A 144 3.47 2.85 -5.33
C ILE A 144 3.94 3.77 -6.46
N LEU A 145 5.00 4.53 -6.27
CA LEU A 145 5.45 5.46 -7.39
C LEU A 145 5.73 4.60 -8.59
N PRO A 146 5.44 5.12 -9.79
CA PRO A 146 5.61 4.31 -11.04
C PRO A 146 6.95 3.58 -11.18
N PRO A 147 8.11 4.18 -10.88
CA PRO A 147 9.33 3.35 -11.11
C PRO A 147 9.45 2.14 -10.20
N TYR A 148 8.66 2.08 -9.14
CA TYR A 148 8.67 0.93 -8.24
C TYR A 148 7.52 -0.03 -8.46
N GLN A 149 6.58 0.28 -9.34
CA GLN A 149 5.45 -0.62 -9.50
C GLN A 149 5.89 -2.00 -10.10
N ARG A 150 5.10 -3.02 -9.73
CA ARG A 150 5.27 -4.38 -10.26
C ARG A 150 6.62 -4.94 -9.84
N ARG A 151 7.13 -4.52 -8.69
CA ARG A 151 8.46 -4.97 -8.25
C ARG A 151 8.40 -5.50 -6.86
N GLY A 152 7.20 -5.82 -6.37
CA GLY A 152 7.03 -6.50 -5.09
C GLY A 152 6.65 -5.58 -3.94
N TYR A 153 6.84 -4.26 -4.12
CA TYR A 153 6.53 -3.29 -3.01
C TYR A 153 5.02 -3.14 -2.68
N GLY A 154 4.15 -3.19 -3.72
CA GLY A 154 2.71 -3.13 -3.56
C GLY A 154 2.26 -4.37 -2.76
N ARG A 155 2.84 -5.54 -3.06
CA ARG A 155 2.50 -6.77 -2.28
CA ARG A 155 2.40 -6.69 -2.24
C ARG A 155 2.87 -6.57 -0.80
N PHE A 156 4.12 -6.09 -0.60
CA PHE A 156 4.54 -5.72 0.77
C PHE A 156 3.56 -4.83 1.49
N LEU A 157 3.16 -3.71 0.90
CA LEU A 157 2.26 -2.81 1.60
C LEU A 157 0.87 -3.41 1.86
N ILE A 158 0.34 -4.18 0.90
CA ILE A 158 -0.95 -4.82 1.12
C ILE A 158 -0.74 -5.75 2.34
N ALA A 159 0.31 -6.59 2.33
CA ALA A 159 0.50 -7.50 3.50
C ALA A 159 0.65 -6.74 4.76
N PHE A 160 1.39 -5.63 4.74
CA PHE A 160 1.60 -4.85 5.95
C PHE A 160 0.25 -4.34 6.50
N SER A 161 -0.69 -3.94 5.59
CA SER A 161 -1.95 -3.40 6.06
C SER A 161 -2.74 -4.54 6.77
N TYR A 162 -2.61 -5.79 6.32
CA TYR A 162 -3.30 -6.88 7.02
C TYR A 162 -2.56 -7.23 8.33
N GLU A 163 -1.24 -7.06 8.38
CA GLU A 163 -0.53 -7.27 9.63
C GLU A 163 -1.01 -6.29 10.68
N LEU A 164 -1.29 -5.03 10.31
CA LEU A 164 -1.91 -4.11 11.28
C LEU A 164 -3.31 -4.56 11.74
N SER A 165 -4.18 -4.90 10.77
CA SER A 165 -5.51 -5.41 11.09
C SER A 165 -5.49 -6.61 12.04
N LYS A 166 -4.51 -7.52 11.86
CA LYS A 166 -4.40 -8.75 12.71
C LYS A 166 -4.06 -8.32 14.13
N LEU A 167 -3.18 -7.33 14.28
CA LEU A 167 -2.83 -6.81 15.63
C LEU A 167 -3.97 -6.04 16.23
N GLU A 168 -4.89 -5.55 15.40
CA GLU A 168 -6.04 -4.87 15.93
C GLU A 168 -7.21 -5.90 16.24
N SER A 169 -6.99 -7.19 16.00
CA SER A 169 -8.06 -8.24 16.06
C SER A 169 -9.27 -7.89 15.26
N THR A 170 -9.07 -7.47 14.01
CA THR A 170 -10.25 -6.97 13.29
C THR A 170 -10.04 -7.40 11.86
N VAL A 171 -11.12 -7.50 11.09
CA VAL A 171 -10.99 -7.73 9.63
C VAL A 171 -10.99 -6.34 9.00
N GLY A 172 -10.50 -6.24 7.78
CA GLY A 172 -10.63 -4.99 7.06
C GLY A 172 -10.48 -5.21 5.57
N SER A 173 -10.90 -4.22 4.76
CA SER A 173 -10.79 -4.30 3.31
C SER A 173 -10.40 -2.93 2.78
N PRO A 174 -9.70 -2.81 1.63
CA PRO A 174 -9.32 -1.51 1.17
C PRO A 174 -10.60 -0.76 0.76
N GLU A 175 -10.59 0.53 0.88
CA GLU A 175 -11.70 1.34 0.37
C GLU A 175 -11.79 1.27 -1.16
N LYS A 176 -13.00 1.08 -1.72
CA LYS A 176 -13.19 1.09 -3.15
C LYS A 176 -13.46 2.52 -3.67
N PRO A 177 -13.21 2.79 -4.96
CA PRO A 177 -12.68 1.85 -5.90
C PRO A 177 -11.18 1.67 -5.90
N LEU A 178 -10.76 0.51 -6.39
CA LEU A 178 -9.34 0.15 -6.55
C LEU A 178 -8.94 0.50 -7.99
N SER A 179 -7.67 0.86 -8.20
CA SER A 179 -7.12 1.00 -9.54
C SER A 179 -7.08 -0.33 -10.24
N ASP A 180 -6.85 -0.36 -11.57
CA ASP A 180 -6.72 -1.65 -12.27
CA ASP A 180 -6.69 -1.63 -12.28
C ASP A 180 -5.59 -2.47 -11.64
N LEU A 181 -4.46 -1.85 -11.41
CA LEU A 181 -3.35 -2.61 -10.82
C LEU A 181 -3.63 -2.97 -9.39
N GLY A 182 -4.33 -2.08 -8.68
CA GLY A 182 -4.77 -2.36 -7.27
C GLY A 182 -5.66 -3.59 -7.20
N LYS A 183 -6.64 -3.68 -8.09
CA LYS A 183 -7.50 -4.87 -8.14
C LYS A 183 -6.71 -6.09 -8.38
N LEU A 184 -5.82 -6.12 -9.38
CA LEU A 184 -5.09 -7.35 -9.67
C LEU A 184 -4.20 -7.69 -8.47
N SER A 185 -3.60 -6.64 -7.83
CA SER A 185 -2.67 -6.87 -6.74
C SER A 185 -3.35 -7.47 -5.52
N TYR A 186 -4.50 -6.92 -5.13
CA TYR A 186 -5.26 -7.46 -3.97
C TYR A 186 -5.75 -8.85 -4.31
N ARG A 187 -6.25 -9.08 -5.51
CA ARG A 187 -6.78 -10.43 -5.83
CA ARG A 187 -6.75 -10.41 -5.86
C ARG A 187 -5.67 -11.46 -5.69
N SER A 188 -4.49 -11.13 -6.20
CA SER A 188 -3.36 -12.06 -6.17
CA SER A 188 -3.41 -12.11 -6.16
CA SER A 188 -3.36 -12.06 -6.17
C SER A 188 -2.85 -12.26 -4.73
N TYR A 189 -2.86 -11.17 -3.95
CA TYR A 189 -2.46 -11.27 -2.55
C TYR A 189 -3.43 -12.18 -1.76
N TRP A 190 -4.70 -11.92 -1.94
CA TRP A 190 -5.70 -12.75 -1.25
C TRP A 190 -5.59 -14.18 -1.71
N SER A 191 -5.36 -14.41 -3.01
CA SER A 191 -5.31 -15.80 -3.51
C SER A 191 -4.10 -16.50 -2.82
N TRP A 192 -2.93 -15.84 -2.75
CA TRP A 192 -1.72 -16.47 -2.15
CA TRP A 192 -1.75 -16.49 -2.21
C TRP A 192 -1.94 -16.81 -0.74
N VAL A 193 -2.47 -15.87 0.04
CA VAL A 193 -2.62 -16.03 1.43
C VAL A 193 -3.57 -17.17 1.71
N LEU A 194 -4.65 -17.20 0.95
CA LEU A 194 -5.71 -18.22 1.23
C LEU A 194 -5.20 -19.60 0.82
N LEU A 195 -4.53 -19.66 -0.29
CA LEU A 195 -4.05 -20.93 -0.84
C LEU A 195 -2.99 -21.43 0.13
N GLU A 196 -2.11 -20.57 0.66
CA GLU A 196 -1.12 -21.04 1.67
CA GLU A 196 -1.14 -21.08 1.64
C GLU A 196 -1.80 -21.59 2.93
N ASN A 197 -2.87 -20.95 3.38
CA ASN A 197 -3.56 -21.46 4.58
C ASN A 197 -4.29 -22.81 4.35
N LEU A 198 -4.79 -23.01 3.13
CA LEU A 198 -5.49 -24.21 2.77
C LEU A 198 -4.51 -25.37 2.64
N ARG A 199 -3.26 -25.10 2.23
CA ARG A 199 -2.13 -26.11 2.29
C ARG A 199 -1.78 -26.38 3.76
N ASP A 200 -1.41 -25.33 4.51
CA ASP A 200 -0.92 -25.42 5.95
C ASP A 200 -1.80 -26.03 7.06
N PHE A 201 -2.76 -25.28 7.65
CA PHE A 201 -3.85 -25.89 8.46
C PHE A 201 -4.54 -26.80 7.43
N ARG A 202 -4.94 -28.01 7.81
CA ARG A 202 -4.95 -29.11 6.81
C ARG A 202 -6.20 -29.41 5.90
N GLY A 203 -7.40 -29.61 6.45
CA GLY A 203 -7.65 -29.67 7.89
C GLY A 203 -8.90 -28.90 8.29
N THR A 204 -9.89 -28.96 7.40
CA THR A 204 -11.11 -28.13 7.42
C THR A 204 -11.14 -26.85 8.30
N LEU A 205 -10.63 -25.77 7.71
CA LEU A 205 -10.87 -24.39 8.09
C LEU A 205 -12.15 -23.97 7.42
N SER A 206 -12.99 -23.22 8.10
CA SER A 206 -14.17 -22.65 7.51
C SER A 206 -13.77 -21.26 7.02
N ILE A 207 -14.76 -20.57 6.43
CA ILE A 207 -14.53 -19.20 5.90
C ILE A 207 -14.33 -18.23 7.06
N LYS A 208 -15.12 -18.36 8.12
CA LYS A 208 -14.96 -17.50 9.30
C LYS A 208 -13.61 -17.68 9.98
N ASP A 209 -13.14 -18.93 10.06
CA ASP A 209 -11.76 -19.28 10.43
C ASP A 209 -10.72 -18.58 9.56
N LEU A 210 -10.89 -18.65 8.25
CA LEU A 210 -9.90 -18.01 7.37
C LEU A 210 -9.88 -16.47 7.65
N SER A 211 -11.06 -15.90 7.84
CA SER A 211 -11.19 -14.45 8.06
C SER A 211 -10.50 -14.01 9.36
N GLN A 212 -10.68 -14.80 10.41
CA GLN A 212 -9.97 -14.55 11.66
C GLN A 212 -8.48 -14.76 11.54
N MET A 213 -8.01 -15.76 10.84
CA MET A 213 -6.56 -15.96 10.73
C MET A 213 -5.85 -14.87 9.91
N THR A 214 -6.55 -14.27 8.94
CA THR A 214 -5.84 -13.44 7.90
C THR A 214 -6.25 -12.01 7.96
N SER A 215 -7.34 -11.74 8.68
CA SER A 215 -8.01 -10.41 8.70
C SER A 215 -8.64 -9.94 7.36
N ILE A 216 -8.74 -10.86 6.39
CA ILE A 216 -9.38 -10.63 5.08
C ILE A 216 -10.89 -10.81 5.37
N THR A 217 -11.72 -9.91 4.89
CA THR A 217 -13.15 -10.05 5.20
C THR A 217 -13.75 -11.31 4.52
N GLN A 218 -14.82 -11.82 5.09
CA GLN A 218 -15.47 -12.99 4.47
C GLN A 218 -15.85 -12.74 3.03
N ASN A 219 -16.33 -11.53 2.72
CA ASN A 219 -16.69 -11.24 1.34
C ASN A 219 -15.54 -11.28 0.41
N ASP A 220 -14.38 -10.77 0.88
CA ASP A 220 -13.24 -10.81 -0.03
C ASP A 220 -12.64 -12.23 -0.14
N ILE A 221 -12.76 -12.98 0.95
CA ILE A 221 -12.39 -14.41 0.89
C ILE A 221 -13.30 -15.16 -0.05
N ILE A 222 -14.58 -14.94 0.09
CA ILE A 222 -15.50 -15.61 -0.84
C ILE A 222 -15.30 -15.23 -2.29
N SER A 223 -15.15 -13.92 -2.62
CA SER A 223 -14.94 -13.58 -4.03
C SER A 223 -13.68 -14.21 -4.58
N THR A 224 -12.64 -14.26 -3.72
CA THR A 224 -11.37 -14.87 -4.16
C THR A 224 -11.47 -16.37 -4.44
N LEU A 225 -12.09 -17.04 -3.51
CA LEU A 225 -12.35 -18.49 -3.62
C LEU A 225 -13.22 -18.79 -4.82
N GLN A 226 -14.23 -17.94 -5.06
CA GLN A 226 -14.93 -18.10 -6.35
C GLN A 226 -14.07 -17.98 -7.58
N SER A 227 -13.18 -16.96 -7.63
CA SER A 227 -12.32 -16.77 -8.78
C SER A 227 -11.43 -17.98 -8.97
N LEU A 228 -11.18 -18.72 -7.90
CA LEU A 228 -10.28 -19.87 -7.93
C LEU A 228 -11.11 -21.18 -8.13
N ASN A 229 -12.45 -21.00 -8.24
CA ASN A 229 -13.42 -22.13 -8.24
C ASN A 229 -13.24 -23.04 -7.08
N MET A 230 -13.06 -22.49 -5.87
CA MET A 230 -12.79 -23.32 -4.69
C MET A 230 -13.91 -23.25 -3.66
N VAL A 231 -15.12 -22.85 -4.10
CA VAL A 231 -16.24 -22.82 -3.16
C VAL A 231 -17.44 -23.48 -3.85
N LYS A 232 -18.19 -24.26 -3.07
CA LYS A 232 -19.52 -24.69 -3.49
C LYS A 232 -20.60 -23.88 -2.74
N TYR A 233 -21.85 -24.03 -3.17
CA TYR A 233 -22.92 -23.25 -2.54
C TYR A 233 -23.98 -24.27 -2.11
N TRP A 234 -24.46 -24.18 -0.87
CA TRP A 234 -25.40 -25.18 -0.40
C TRP A 234 -26.38 -24.58 0.54
N LYS A 235 -27.66 -24.58 0.10
CA LYS A 235 -28.73 -23.99 0.91
C LYS A 235 -28.43 -22.56 1.45
N GLY A 236 -27.93 -21.74 0.57
CA GLY A 236 -27.70 -20.31 0.87
C GLY A 236 -26.33 -20.03 1.48
N GLN A 237 -25.48 -21.06 1.60
CA GLN A 237 -24.17 -20.88 2.25
C GLN A 237 -23.03 -21.23 1.33
N HIS A 238 -22.01 -20.34 1.30
CA HIS A 238 -20.77 -20.70 0.62
C HIS A 238 -19.92 -21.61 1.47
N VAL A 239 -19.40 -22.69 0.88
CA VAL A 239 -18.65 -23.70 1.60
C VAL A 239 -17.35 -23.97 0.83
N ILE A 240 -16.19 -24.03 1.52
CA ILE A 240 -14.96 -24.36 0.83
C ILE A 240 -14.90 -25.78 0.28
N CYS A 241 -14.38 -25.93 -0.93
CA CYS A 241 -14.41 -27.19 -1.59
C CYS A 241 -13.20 -27.21 -2.42
N VAL A 242 -12.15 -27.82 -1.87
CA VAL A 242 -10.97 -27.97 -2.67
C VAL A 242 -10.07 -29.14 -2.30
N THR A 243 -9.46 -29.74 -3.29
CA THR A 243 -8.49 -30.81 -3.01
C THR A 243 -7.05 -30.27 -2.69
N PRO A 244 -6.30 -30.94 -1.75
CA PRO A 244 -4.85 -30.56 -1.59
C PRO A 244 -4.01 -30.47 -2.87
N LYS A 245 -4.29 -31.34 -3.83
CA LYS A 245 -3.62 -31.27 -5.13
C LYS A 245 -3.93 -29.99 -5.90
N LEU A 246 -5.19 -29.56 -5.91
CA LEU A 246 -5.52 -28.38 -6.69
C LEU A 246 -4.92 -27.12 -6.00
N VAL A 247 -4.89 -27.11 -4.67
CA VAL A 247 -4.22 -26.01 -3.96
C VAL A 247 -2.76 -25.92 -4.49
N GLU A 248 -2.05 -27.06 -4.45
CA GLU A 248 -0.68 -27.09 -4.95
C GLU A 248 -0.50 -26.70 -6.43
N GLU A 249 -1.42 -27.12 -7.33
CA GLU A 249 -1.38 -26.65 -8.74
C GLU A 249 -1.38 -25.12 -8.81
N HIS A 250 -2.30 -24.49 -8.07
CA HIS A 250 -2.36 -23.00 -8.04
C HIS A 250 -1.12 -22.39 -7.47
N LEU A 251 -0.62 -22.89 -6.33
CA LEU A 251 0.57 -22.29 -5.69
C LEU A 251 1.81 -22.38 -6.61
N LYS A 252 1.87 -23.43 -7.44
CA LYS A 252 2.99 -23.62 -8.39
C LYS A 252 2.87 -22.73 -9.65
N SER A 253 1.88 -21.83 -9.76
CA SER A 253 1.71 -21.02 -10.97
CA SER A 253 1.73 -21.02 -10.97
C SER A 253 2.64 -19.80 -11.07
N ALA A 254 2.94 -19.38 -12.32
CA ALA A 254 3.78 -18.17 -12.59
C ALA A 254 3.42 -16.93 -11.74
N GLN A 255 2.15 -16.79 -11.40
CA GLN A 255 1.64 -15.67 -10.61
C GLN A 255 2.42 -15.51 -9.30
N TYR A 256 2.84 -16.65 -8.70
CA TYR A 256 3.44 -16.68 -7.36
C TYR A 256 4.94 -16.95 -7.33
N LYS A 257 5.61 -16.82 -8.48
CA LYS A 257 7.00 -17.24 -8.65
C LYS A 257 8.09 -16.17 -8.37
N LYS A 258 7.74 -14.89 -8.28
CA LYS A 258 8.78 -13.88 -8.05
C LYS A 258 9.07 -13.95 -6.53
N PRO A 259 10.37 -13.89 -6.15
CA PRO A 259 10.69 -13.89 -4.69
C PRO A 259 10.13 -12.64 -3.97
N PRO A 260 9.24 -12.83 -3.01
CA PRO A 260 8.56 -11.64 -2.42
C PRO A 260 9.45 -10.92 -1.43
N ILE A 261 9.16 -9.63 -1.15
CA ILE A 261 9.77 -8.92 -0.01
C ILE A 261 8.67 -9.18 1.04
N THR A 262 9.03 -9.86 2.09
CA THR A 262 8.01 -10.31 3.03
C THR A 262 7.97 -9.42 4.22
N VAL A 263 6.83 -9.28 4.84
CA VAL A 263 6.71 -8.59 6.12
C VAL A 263 7.13 -9.58 7.25
N ASP A 264 8.20 -9.28 7.96
CA ASP A 264 8.66 -10.10 9.09
C ASP A 264 8.02 -9.57 10.34
N SER A 265 7.09 -10.29 10.95
CA SER A 265 6.34 -9.65 12.04
C SER A 265 7.21 -9.45 13.28
N VAL A 266 8.37 -10.11 13.31
CA VAL A 266 9.34 -9.88 14.42
C VAL A 266 9.86 -8.40 14.33
N CYS A 267 9.78 -7.78 13.15
CA CYS A 267 10.38 -6.43 12.92
C CYS A 267 9.32 -5.34 12.96
N LEU A 268 8.08 -5.72 13.17
CA LEU A 268 6.97 -4.76 13.26
C LEU A 268 6.73 -4.37 14.71
N LYS A 269 6.81 -3.08 15.01
CA LYS A 269 6.66 -2.51 16.35
C LYS A 269 5.46 -1.67 16.41
N TRP A 270 4.38 -2.32 16.79
CA TRP A 270 3.15 -1.63 16.74
C TRP A 270 2.11 -2.21 17.67
N ALA A 271 1.32 -1.34 18.29
CA ALA A 271 0.11 -1.74 19.00
C ALA A 271 -1.01 -0.70 18.69
N PRO A 272 -2.31 -1.18 18.68
CA PRO A 272 -3.53 -0.39 18.40
C PRO A 272 -3.45 1.05 18.94
N PRO A 273 -3.70 2.05 18.05
CA PRO A 273 -3.11 3.40 17.99
C PRO A 273 -2.77 4.03 19.35
#